data_2L6I
#
_entry.id   2L6I
#
_entity_poly.entity_id   1
_entity_poly.type   'polyribonucleotide'
_entity_poly.pdbx_seq_one_letter_code
;GAUCUCUUGUAGAUCA
;
_entity_poly.pdbx_strand_id   A
#
loop_
_chem_comp.id
_chem_comp.type
_chem_comp.name
_chem_comp.formula
A RNA linking ADENOSINE-5'-MONOPHOSPHATE 'C10 H14 N5 O7 P'
C RNA linking CYTIDINE-5'-MONOPHOSPHATE 'C9 H14 N3 O8 P'
G RNA linking GUANOSINE-5'-MONOPHOSPHATE 'C10 H14 N5 O8 P'
U RNA linking URIDINE-5'-MONOPHOSPHATE 'C9 H13 N2 O9 P'
#